data_8ZCC
#
_entry.id   8ZCC
#
_cell.length_a   62.852
_cell.length_b   82.235
_cell.length_c   64.136
_cell.angle_alpha   90.000
_cell.angle_beta   108.416
_cell.angle_gamma   90.000
#
_symmetry.space_group_name_H-M   'P 1 21 1'
#
loop_
_entity.id
_entity.type
_entity.pdbx_description
1 polymer 'HCoV-NL63 main protease'
2 non-polymer N-(4-tert-butylphenyl)-N-[(1R)-2-(cyclohexylamino)-2-oxo-1-(pyridin-3-yl)ethyl]-1H-imidazole-4-carboxamide
3 water water
#
_entity_poly.entity_id   1
_entity_poly.type   'polypeptide(L)'
_entity_poly.pdbx_seq_one_letter_code
;GLKKMAQPSGCVERCVVRVCYGSTVLNGVWLGDTVTCPRHVIAPSTTVLIDYDHAYSTMRLHNFSVSHNGVFLGVVGVTM
HGSVLRIKVSQSNVHTPKHVFKTLKPGDSFNILACYEGIASGVFGVNLRTNFTIKGSFINGACGSPGYNVRNDGTVEFCY
LHQIELGSGAHVGSDFTGSVYGNFDDQPSLQVESANLMLSDNVVAFLYAALLNGCRWWLCSTRVNVDGFNEWAMANGYTS
VSSVECYSILAAKTGVSVEQLLASIQHLHEGFGGKNILGYSSLCDEFTLAEVVKQMYGV
;
_entity_poly.pdbx_strand_id   A,B
#
loop_
_chem_comp.id
_chem_comp.type
_chem_comp.name
_chem_comp.formula
X77 non-polymer N-(4-tert-butylphenyl)-N-[(1R)-2-(cyclohexylamino)-2-oxo-1-(pyridin-3-yl)ethyl]-1H-imidazole-4-carboxamide 'C27 H33 N5 O2'
#
# COMPACT_ATOMS: atom_id res chain seq x y z
N LEU A 2 -4.65 -2.88 -11.88
CA LEU A 2 -3.78 -1.89 -11.24
C LEU A 2 -3.96 -1.86 -9.74
N LYS A 3 -2.85 -1.72 -9.01
CA LYS A 3 -2.88 -1.69 -7.54
C LYS A 3 -1.87 -0.65 -7.08
N LYS A 4 -2.32 0.32 -6.30
CA LYS A 4 -1.39 1.24 -5.68
C LYS A 4 -0.53 0.47 -4.68
N MET A 5 0.79 0.56 -4.84
CA MET A 5 1.66 -0.14 -3.91
C MET A 5 2.80 0.78 -3.54
N ALA A 6 3.53 0.36 -2.52
CA ALA A 6 4.67 1.11 -2.03
C ALA A 6 5.95 0.36 -2.34
N GLN A 7 7.04 1.11 -2.51
CA GLN A 7 8.34 0.48 -2.59
C GLN A 7 8.76 -0.02 -1.22
N PRO A 8 9.54 -1.10 -1.14
CA PRO A 8 9.84 -1.71 0.15
C PRO A 8 10.48 -0.69 1.09
N SER A 9 10.17 -0.84 2.38
CA SER A 9 10.46 0.20 3.36
C SER A 9 11.67 -0.07 4.24
N GLY A 10 12.29 -1.25 4.13
CA GLY A 10 13.29 -1.65 5.11
C GLY A 10 14.43 -0.66 5.29
N CYS A 11 14.96 -0.15 4.18
CA CYS A 11 16.10 0.76 4.32
C CYS A 11 15.70 2.08 4.98
N VAL A 12 14.43 2.48 4.92
CA VAL A 12 14.00 3.72 5.55
C VAL A 12 13.63 3.50 7.01
N GLU A 13 13.03 2.33 7.32
CA GLU A 13 12.75 1.97 8.70
C GLU A 13 13.98 2.12 9.58
N ARG A 14 15.15 1.77 9.06
CA ARG A 14 16.38 1.83 9.86
C ARG A 14 16.85 3.25 10.11
N CYS A 15 16.13 4.25 9.61
CA CYS A 15 16.47 5.64 9.85
C CYS A 15 15.46 6.36 10.73
N VAL A 16 14.37 5.71 11.10
CA VAL A 16 13.30 6.37 11.86
C VAL A 16 13.70 6.42 13.32
N VAL A 17 13.56 7.60 13.94
CA VAL A 17 13.82 7.77 15.36
C VAL A 17 12.66 8.50 16.02
N ARG A 18 12.57 8.33 17.33
CA ARG A 18 11.62 9.04 18.17
C ARG A 18 12.31 10.30 18.69
N VAL A 19 11.69 11.46 18.51
CA VAL A 19 12.27 12.73 18.96
C VAL A 19 11.32 13.37 19.95
N CYS A 20 11.84 13.75 21.10
CA CYS A 20 11.02 14.31 22.15
C CYS A 20 11.68 15.59 22.63
N TYR A 21 10.88 16.63 22.81
CA TYR A 21 11.36 17.86 23.45
C TYR A 21 10.36 18.19 24.55
N GLY A 22 10.83 18.20 25.80
CA GLY A 22 9.90 18.32 26.91
C GLY A 22 8.89 17.19 26.88
N SER A 23 7.61 17.52 26.83
CA SER A 23 6.57 16.49 26.79
C SER A 23 6.13 16.12 25.39
N THR A 24 6.63 16.83 24.37
CA THR A 24 6.15 16.67 23.00
C THR A 24 6.96 15.60 22.28
N VAL A 25 6.27 14.65 21.65
CA VAL A 25 6.92 13.55 20.95
C VAL A 25 6.50 13.54 19.49
N LEU A 26 7.48 13.38 18.60
CA LEU A 26 7.15 13.04 17.21
C LEU A 26 8.29 12.20 16.63
N ASN A 27 8.35 12.10 15.30
CA ASN A 27 9.35 11.28 14.64
C ASN A 27 10.41 12.13 13.96
N GLY A 28 11.59 11.54 13.78
CA GLY A 28 12.64 12.14 12.99
C GLY A 28 13.31 11.11 12.12
N VAL A 29 14.21 11.59 11.27
CA VAL A 29 14.90 10.75 10.30
C VAL A 29 16.40 10.92 10.51
N TRP A 30 17.09 9.80 10.78
CA TRP A 30 18.49 9.79 11.21
C TRP A 30 19.36 9.35 10.05
N LEU A 31 20.17 10.26 9.52
CA LEU A 31 21.06 10.02 8.38
C LEU A 31 22.44 10.53 8.74
N GLY A 32 23.45 9.67 8.67
CA GLY A 32 24.75 10.10 9.18
C GLY A 32 24.64 10.45 10.64
N ASP A 33 25.21 11.59 11.06
CA ASP A 33 25.09 12.01 12.45
C ASP A 33 24.03 13.08 12.65
N THR A 34 23.02 13.16 11.77
CA THR A 34 22.00 14.21 11.78
C THR A 34 20.61 13.60 11.82
N VAL A 35 19.78 14.10 12.73
CA VAL A 35 18.35 13.76 12.77
C VAL A 35 17.58 14.98 12.30
N THR A 36 16.75 14.82 11.28
CA THR A 36 15.85 15.87 10.81
C THR A 36 14.44 15.61 11.35
N CYS A 37 13.79 16.65 11.87
CA CYS A 37 12.44 16.52 12.38
C CYS A 37 11.73 17.85 12.23
N PRO A 38 10.39 17.85 12.32
CA PRO A 38 9.66 19.13 12.28
C PRO A 38 10.08 20.02 13.45
N ARG A 39 10.25 21.30 13.17
CA ARG A 39 10.64 22.21 14.24
C ARG A 39 9.51 22.42 15.25
N HIS A 40 8.26 22.13 14.89
CA HIS A 40 7.22 22.39 15.88
C HIS A 40 7.30 21.48 17.12
N VAL A 41 8.27 20.54 17.17
CA VAL A 41 8.51 19.81 18.41
C VAL A 41 8.94 20.74 19.55
N ILE A 42 9.50 21.91 19.23
CA ILE A 42 9.88 22.86 20.28
C ILE A 42 8.81 23.92 20.52
N ALA A 43 7.62 23.75 19.98
CA ALA A 43 6.57 24.75 20.17
C ALA A 43 6.06 24.70 21.61
N PRO A 44 5.77 25.84 22.22
CA PRO A 44 5.22 25.84 23.58
C PRO A 44 3.82 25.23 23.62
N SER A 45 3.50 24.63 24.75
CA SER A 45 2.13 24.20 25.02
C SER A 45 1.26 25.43 25.20
N THR A 46 0.77 25.97 24.09
CA THR A 46 0.07 27.24 24.11
C THR A 46 -0.91 27.27 22.96
N THR A 47 -1.94 28.11 23.10
CA THR A 47 -2.96 28.26 22.09
C THR A 47 -2.63 29.36 21.08
N VAL A 48 -1.55 30.11 21.30
CA VAL A 48 -1.23 31.30 20.52
C VAL A 48 -0.36 30.95 19.31
N LEU A 49 -0.20 31.92 18.42
CA LEU A 49 0.75 31.77 17.32
C LEU A 49 2.16 31.57 17.87
N ILE A 50 2.93 30.75 17.17
CA ILE A 50 4.24 30.32 17.65
C ILE A 50 5.32 31.24 17.09
N ASP A 51 6.13 31.82 17.97
CA ASP A 51 7.28 32.63 17.57
C ASP A 51 8.48 31.70 17.56
N TYR A 52 8.84 31.19 16.38
CA TYR A 52 9.87 30.16 16.32
C TYR A 52 11.26 30.71 16.59
N ASP A 53 11.51 31.99 16.26
CA ASP A 53 12.81 32.57 16.60
C ASP A 53 12.99 32.63 18.11
N HIS A 54 11.94 32.99 18.85
CA HIS A 54 12.02 32.97 20.31
C HIS A 54 12.15 31.55 20.83
N ALA A 55 11.33 30.61 20.31
CA ALA A 55 11.42 29.23 20.76
C ALA A 55 12.81 28.66 20.50
N TYR A 56 13.44 29.06 19.39
CA TYR A 56 14.75 28.53 19.06
C TYR A 56 15.83 29.14 19.94
N SER A 57 15.73 30.45 20.21
CA SER A 57 16.76 31.12 20.99
C SER A 57 16.74 30.68 22.46
N THR A 58 15.59 30.21 22.96
CA THR A 58 15.47 29.75 24.33
C THR A 58 15.48 28.22 24.45
N MET A 59 15.69 27.51 23.34
CA MET A 59 15.80 26.07 23.39
C MET A 59 17.05 25.66 24.19
N ARG A 60 16.93 24.56 24.93
CA ARG A 60 18.08 23.99 25.63
C ARG A 60 18.25 22.54 25.21
N LEU A 61 19.48 22.15 24.90
CA LEU A 61 19.76 20.82 24.35
C LEU A 61 19.30 19.72 25.29
N HIS A 62 19.40 19.92 26.60
CA HIS A 62 19.06 18.82 27.50
C HIS A 62 17.57 18.49 27.51
N ASN A 63 16.73 19.33 26.93
CA ASN A 63 15.31 19.03 26.84
C ASN A 63 14.99 18.02 25.74
N PHE A 64 15.94 17.72 24.86
CA PHE A 64 15.75 16.76 23.79
C PHE A 64 16.02 15.35 24.29
N SER A 65 15.24 14.40 23.78
CA SER A 65 15.60 12.99 23.87
C SER A 65 15.34 12.36 22.51
N VAL A 66 16.31 11.63 22.01
CA VAL A 66 16.24 11.03 20.68
C VAL A 66 16.59 9.55 20.81
N SER A 67 15.78 8.68 20.22
CA SER A 67 16.05 7.25 20.35
C SER A 67 15.73 6.50 19.06
N HIS A 68 16.50 5.44 18.82
CA HIS A 68 16.25 4.52 17.72
C HIS A 68 15.94 3.16 18.33
N ASN A 69 14.70 2.70 18.16
CA ASN A 69 14.25 1.42 18.70
C ASN A 69 14.58 1.29 20.19
N GLY A 70 14.33 2.38 20.92
CA GLY A 70 14.54 2.39 22.35
C GLY A 70 15.95 2.70 22.80
N VAL A 71 16.91 2.77 21.90
CA VAL A 71 18.29 3.12 22.25
C VAL A 71 18.46 4.63 22.13
N PHE A 72 18.79 5.29 23.24
CA PHE A 72 18.84 6.74 23.25
C PHE A 72 20.19 7.24 22.75
N LEU A 73 20.13 8.31 21.94
CA LEU A 73 21.29 8.90 21.30
C LEU A 73 21.66 10.20 22.01
N GLY A 74 22.96 10.45 22.13
CA GLY A 74 23.40 11.72 22.70
C GLY A 74 23.19 12.85 21.72
N VAL A 75 22.69 13.97 22.23
CA VAL A 75 22.37 15.14 21.43
C VAL A 75 23.47 16.18 21.62
N VAL A 76 24.09 16.61 20.51
CA VAL A 76 25.28 17.45 20.55
C VAL A 76 25.00 18.90 20.14
N GLY A 77 24.05 19.14 19.25
CA GLY A 77 23.74 20.47 18.78
C GLY A 77 22.48 20.43 17.95
N VAL A 78 21.91 21.60 17.71
CA VAL A 78 20.65 21.72 16.97
C VAL A 78 20.66 23.03 16.20
N THR A 79 20.32 22.95 14.92
CA THR A 79 20.11 24.13 14.08
C THR A 79 18.73 24.06 13.44
N MET A 80 18.22 25.22 13.05
CA MET A 80 16.88 25.35 12.49
C MET A 80 17.00 25.79 11.04
N HIS A 81 16.23 25.14 10.16
CA HIS A 81 16.27 25.40 8.72
C HIS A 81 14.83 25.37 8.22
N GLY A 82 14.26 26.54 8.00
CA GLY A 82 12.86 26.57 7.59
C GLY A 82 12.01 25.93 8.65
N SER A 83 11.21 24.93 8.25
CA SER A 83 10.30 24.27 9.17
C SER A 83 10.87 22.97 9.74
N VAL A 84 12.17 22.73 9.66
CA VAL A 84 12.78 21.55 10.27
C VAL A 84 13.91 21.95 11.20
N LEU A 85 14.21 21.05 12.13
CA LEU A 85 15.42 21.07 12.92
C LEU A 85 16.39 20.01 12.42
N ARG A 86 17.67 20.32 12.52
CA ARG A 86 18.74 19.36 12.26
C ARG A 86 19.45 19.13 13.58
N ILE A 87 19.21 17.99 14.19
CA ILE A 87 19.76 17.62 15.49
C ILE A 87 21.02 16.80 15.23
N LYS A 88 22.17 17.33 15.61
CA LYS A 88 23.40 16.58 15.56
C LYS A 88 23.48 15.65 16.76
N VAL A 89 23.73 14.36 16.51
CA VAL A 89 23.79 13.37 17.57
C VAL A 89 25.22 12.83 17.63
N SER A 90 25.52 12.11 18.70
CA SER A 90 26.91 11.83 18.97
C SER A 90 27.43 10.56 18.30
N GLN A 91 26.64 9.96 17.41
CA GLN A 91 27.16 8.87 16.58
C GLN A 91 26.39 8.85 15.27
N SER A 92 27.03 8.28 14.25
CA SER A 92 26.42 8.14 12.92
C SER A 92 25.58 6.87 12.84
N ASN A 93 24.47 6.96 12.11
CA ASN A 93 23.64 5.79 11.83
C ASN A 93 24.41 4.86 10.90
N VAL A 94 24.82 3.70 11.42
CA VAL A 94 25.58 2.73 10.61
C VAL A 94 24.75 2.17 9.48
N HIS A 95 23.42 2.30 9.54
CA HIS A 95 22.54 1.82 8.48
C HIS A 95 22.02 2.94 7.59
N THR A 96 22.71 4.06 7.52
CA THR A 96 22.34 5.12 6.60
C THR A 96 22.41 4.61 5.16
N PRO A 97 21.31 4.64 4.41
CA PRO A 97 21.35 4.18 3.03
C PRO A 97 21.96 5.25 2.14
N LYS A 98 22.51 4.79 1.01
CA LYS A 98 22.90 5.72 -0.04
C LYS A 98 21.66 6.55 -0.40
N HIS A 99 21.79 7.88 -0.37
CA HIS A 99 20.59 8.69 -0.44
C HIS A 99 20.92 10.08 -0.98
N VAL A 100 19.86 10.76 -1.40
CA VAL A 100 19.86 12.18 -1.76
C VAL A 100 18.57 12.80 -1.22
N PHE A 101 18.50 14.12 -1.29
CA PHE A 101 17.28 14.85 -1.01
C PHE A 101 16.70 15.36 -2.32
N LYS A 102 15.38 15.21 -2.49
CA LYS A 102 14.70 15.69 -3.68
C LYS A 102 13.40 16.35 -3.30
N THR A 103 13.10 17.49 -3.93
CA THR A 103 11.85 18.19 -3.69
C THR A 103 10.82 17.75 -4.72
N LEU A 104 9.66 17.32 -4.23
CA LEU A 104 8.58 16.87 -5.10
C LEU A 104 7.92 18.04 -5.83
N LYS A 105 7.32 17.73 -6.97
CA LYS A 105 6.42 18.61 -7.68
C LYS A 105 5.05 17.96 -7.76
N PRO A 106 3.96 18.73 -7.82
CA PRO A 106 2.63 18.12 -7.97
C PRO A 106 2.61 17.13 -9.11
N GLY A 107 1.93 16.00 -8.89
CA GLY A 107 1.93 14.91 -9.85
C GLY A 107 2.97 13.84 -9.60
N ASP A 108 3.94 14.08 -8.72
CA ASP A 108 4.92 13.06 -8.39
C ASP A 108 4.30 12.05 -7.43
N SER A 109 4.51 10.76 -7.71
CA SER A 109 4.19 9.72 -6.74
C SER A 109 5.37 9.53 -5.80
N PHE A 110 5.07 9.13 -4.56
CA PHE A 110 6.12 8.78 -3.62
C PHE A 110 5.52 7.83 -2.59
N ASN A 111 6.37 7.37 -1.68
CA ASN A 111 6.01 6.40 -0.65
C ASN A 111 6.03 7.11 0.70
N ILE A 112 5.05 6.81 1.56
CA ILE A 112 5.03 7.31 2.93
C ILE A 112 5.24 6.13 3.86
N LEU A 113 6.15 6.27 4.82
CA LEU A 113 6.29 5.36 5.94
C LEU A 113 5.65 6.05 7.13
N ALA A 114 4.45 5.63 7.49
CA ALA A 114 3.71 6.25 8.59
C ALA A 114 4.25 5.74 9.91
N CYS A 115 4.68 6.67 10.79
CA CYS A 115 5.41 6.35 12.01
C CYS A 115 4.75 7.05 13.20
N TYR A 116 4.82 6.39 14.35
CA TYR A 116 4.36 6.92 15.63
C TYR A 116 5.38 6.57 16.70
N GLU A 117 5.79 7.56 17.49
CA GLU A 117 6.76 7.36 18.55
C GLU A 117 8.06 6.71 18.04
N GLY A 118 8.46 7.04 16.82
CA GLY A 118 9.67 6.49 16.23
C GLY A 118 9.55 5.06 15.72
N ILE A 119 8.35 4.53 15.56
CA ILE A 119 8.13 3.15 15.13
C ILE A 119 7.23 3.19 13.90
N ALA A 120 7.70 2.58 12.81
CA ALA A 120 6.87 2.51 11.61
C ALA A 120 5.68 1.59 11.85
N SER A 121 4.51 2.02 11.37
CA SER A 121 3.34 1.18 11.45
C SER A 121 2.72 0.86 10.10
N GLY A 122 2.97 1.65 9.06
CA GLY A 122 2.38 1.36 7.76
C GLY A 122 3.15 2.01 6.64
N VAL A 123 2.97 1.49 5.43
CA VAL A 123 3.62 2.06 4.26
C VAL A 123 2.64 2.05 3.09
N PHE A 124 2.60 3.16 2.35
CA PHE A 124 1.67 3.26 1.23
C PHE A 124 2.18 4.28 0.23
N GLY A 125 1.73 4.13 -1.01
CA GLY A 125 2.05 5.10 -2.04
C GLY A 125 1.02 6.22 -2.07
N VAL A 126 1.48 7.42 -2.41
CA VAL A 126 0.63 8.60 -2.52
C VAL A 126 1.13 9.46 -3.68
N ASN A 127 0.27 10.40 -4.06
CA ASN A 127 0.60 11.41 -5.06
C ASN A 127 0.58 12.78 -4.41
N LEU A 128 1.58 13.60 -4.71
CA LEU A 128 1.51 15.01 -4.34
C LEU A 128 0.49 15.70 -5.24
N ARG A 129 -0.55 16.27 -4.62
CA ARG A 129 -1.65 16.83 -5.40
C ARG A 129 -1.31 18.26 -5.82
N THR A 130 -2.13 18.81 -6.72
CA THR A 130 -1.87 20.15 -7.24
C THR A 130 -2.01 21.22 -6.18
N ASN A 131 -2.72 20.96 -5.09
CA ASN A 131 -2.81 21.90 -3.98
C ASN A 131 -1.72 21.66 -2.95
N PHE A 132 -0.73 20.83 -3.29
CA PHE A 132 0.47 20.57 -2.50
C PHE A 132 0.17 19.82 -1.21
N THR A 133 -0.98 19.18 -1.12
CA THR A 133 -1.30 18.31 0.00
C THR A 133 -1.32 16.86 -0.47
N ILE A 134 -1.30 15.94 0.49
CA ILE A 134 -1.51 14.53 0.20
C ILE A 134 -2.69 14.05 1.02
N LYS A 135 -3.30 12.98 0.56
CA LYS A 135 -4.34 12.27 1.30
C LYS A 135 -3.64 11.08 1.95
N GLY A 136 -3.13 11.28 3.14
CA GLY A 136 -2.63 10.18 3.94
C GLY A 136 -3.71 9.57 4.81
N SER A 137 -3.30 8.56 5.56
CA SER A 137 -4.07 8.03 6.69
C SER A 137 -3.14 8.20 7.87
N PHE A 138 -3.10 9.41 8.41
CA PHE A 138 -2.30 9.78 9.57
C PHE A 138 -3.23 10.09 10.72
N ILE A 139 -2.85 9.68 11.93
CA ILE A 139 -3.51 10.20 13.11
C ILE A 139 -2.48 10.97 13.93
N ASN A 140 -2.89 11.44 15.10
CA ASN A 140 -2.01 12.28 15.90
C ASN A 140 -0.68 11.59 16.19
N GLY A 141 0.40 12.36 16.12
CA GLY A 141 1.74 11.83 16.35
C GLY A 141 2.48 11.40 15.12
N ALA A 142 1.87 11.48 13.94
CA ALA A 142 2.54 11.05 12.72
C ALA A 142 3.58 12.05 12.22
N CYS A 143 3.64 13.26 12.80
CA CYS A 143 4.60 14.27 12.35
C CYS A 143 6.02 13.72 12.31
N GLY A 144 6.74 14.09 11.25
CA GLY A 144 8.08 13.56 11.04
C GLY A 144 8.12 12.28 10.24
N SER A 145 6.98 11.68 9.94
CA SER A 145 6.95 10.50 9.07
C SER A 145 7.59 10.84 7.74
N PRO A 146 8.49 10.00 7.21
CA PRO A 146 9.17 10.35 5.96
C PRO A 146 8.47 9.84 4.72
N GLY A 147 8.66 10.61 3.66
CA GLY A 147 8.29 10.20 2.31
C GLY A 147 9.56 9.97 1.51
N TYR A 148 9.53 8.99 0.62
CA TYR A 148 10.74 8.56 -0.07
C TYR A 148 10.36 7.94 -1.41
N ASN A 149 11.35 7.88 -2.30
CA ASN A 149 11.36 7.06 -3.50
C ASN A 149 12.70 6.35 -3.57
N VAL A 150 12.72 5.17 -4.16
CA VAL A 150 13.94 4.40 -4.34
C VAL A 150 14.25 4.35 -5.82
N ARG A 151 15.41 4.87 -6.20
CA ARG A 151 15.81 4.84 -7.59
C ARG A 151 16.22 3.42 -8.01
N ASN A 152 16.29 3.21 -9.32
CA ASN A 152 16.67 1.91 -9.84
C ASN A 152 18.02 1.44 -9.31
N ASP A 153 18.96 2.37 -9.09
CA ASP A 153 20.28 2.00 -8.59
C ASP A 153 20.32 1.83 -7.07
N GLY A 154 19.18 1.92 -6.39
CA GLY A 154 19.13 1.74 -4.96
C GLY A 154 19.25 3.01 -4.14
N THR A 155 19.50 4.16 -4.79
CA THR A 155 19.59 5.42 -4.05
C THR A 155 18.22 5.82 -3.54
N VAL A 156 18.14 6.14 -2.25
CA VAL A 156 16.89 6.61 -1.65
C VAL A 156 16.80 8.13 -1.82
N GLU A 157 15.71 8.59 -2.41
CA GLU A 157 15.39 10.01 -2.42
C GLU A 157 14.47 10.33 -1.25
N PHE A 158 14.94 11.15 -0.32
CA PHE A 158 14.10 11.60 0.79
C PHE A 158 13.42 12.90 0.39
N CYS A 159 12.08 12.88 0.36
CA CYS A 159 11.34 13.96 -0.26
C CYS A 159 10.23 14.59 0.57
N TYR A 160 9.88 14.02 1.72
CA TYR A 160 8.73 14.51 2.46
C TYR A 160 8.92 14.20 3.94
N LEU A 161 8.58 15.19 4.76
CA LEU A 161 8.57 15.02 6.21
C LEU A 161 7.23 15.54 6.69
N HIS A 162 6.45 14.68 7.35
CA HIS A 162 5.08 15.07 7.66
C HIS A 162 5.04 16.20 8.68
N GLN A 163 4.24 17.23 8.41
CA GLN A 163 4.17 18.42 9.25
C GLN A 163 2.83 18.56 9.97
N ILE A 164 1.72 18.76 9.25
CA ILE A 164 0.45 19.07 9.92
C ILE A 164 -0.71 18.50 9.11
N GLU A 165 -1.87 18.45 9.77
CA GLU A 165 -3.14 18.11 9.14
C GLU A 165 -4.01 19.35 9.10
N LEU A 166 -4.58 19.64 7.94
CA LEU A 166 -5.48 20.77 7.77
C LEU A 166 -6.88 20.40 8.25
N GLY A 167 -7.70 21.44 8.47
CA GLY A 167 -9.06 21.21 8.92
C GLY A 167 -9.83 20.26 8.04
N SER A 168 -9.55 20.28 6.73
CA SER A 168 -10.16 19.38 5.77
C SER A 168 -9.74 17.93 5.94
N GLY A 169 -8.71 17.66 6.73
CA GLY A 169 -8.13 16.34 6.79
C GLY A 169 -6.97 16.10 5.86
N ALA A 170 -6.70 17.03 4.93
CA ALA A 170 -5.55 16.92 4.05
C ALA A 170 -4.26 17.06 4.83
N HIS A 171 -3.19 16.49 4.30
CA HIS A 171 -1.91 16.46 5.00
C HIS A 171 -0.86 17.26 4.29
N VAL A 172 -0.05 17.95 5.09
CA VAL A 172 0.96 18.90 4.63
C VAL A 172 2.30 18.47 5.20
N GLY A 173 3.33 18.49 4.36
CA GLY A 173 4.68 18.19 4.81
C GLY A 173 5.68 19.16 4.24
N SER A 174 6.93 18.99 4.65
CA SER A 174 8.04 19.78 4.14
C SER A 174 9.02 18.87 3.41
N ASP A 175 9.94 19.47 2.67
CA ASP A 175 11.08 18.70 2.22
C ASP A 175 12.16 18.76 3.31
N PHE A 176 13.30 18.11 3.05
CA PHE A 176 14.32 17.99 4.06
C PHE A 176 15.19 19.24 4.17
N THR A 177 14.97 20.23 3.32
CA THR A 177 15.57 21.55 3.51
C THR A 177 14.72 22.45 4.39
N GLY A 178 13.52 22.01 4.76
CA GLY A 178 12.62 22.78 5.60
C GLY A 178 11.58 23.58 4.86
N SER A 179 11.52 23.48 3.53
CA SER A 179 10.49 24.18 2.77
C SER A 179 9.18 23.40 2.84
N VAL A 180 8.13 24.05 3.34
CA VAL A 180 6.83 23.40 3.41
C VAL A 180 6.20 23.39 2.02
N TYR A 181 5.75 22.21 1.57
CA TYR A 181 5.05 22.15 0.30
C TYR A 181 3.81 23.02 0.36
N GLY A 182 3.60 23.79 -0.70
CA GLY A 182 2.49 24.72 -0.74
C GLY A 182 2.65 25.95 0.13
N ASN A 183 3.76 26.05 0.86
CA ASN A 183 4.07 27.18 1.74
C ASN A 183 2.99 27.40 2.79
N PHE A 184 2.38 26.30 3.24
CA PHE A 184 1.58 26.34 4.45
C PHE A 184 2.47 26.66 5.64
N ASP A 185 1.84 27.07 6.74
CA ASP A 185 2.58 27.42 7.95
C ASP A 185 2.45 26.32 8.99
N ASP A 186 3.52 26.13 9.78
CA ASP A 186 3.46 25.19 10.90
C ASP A 186 2.92 25.92 12.14
N GLN A 187 1.64 26.26 12.06
CA GLN A 187 0.95 27.11 13.03
C GLN A 187 -0.42 26.52 13.34
N PRO A 188 -1.00 26.87 14.49
CA PRO A 188 -2.37 26.44 14.79
C PRO A 188 -3.46 27.19 14.06
N SER A 189 -3.12 28.04 13.09
CA SER A 189 -4.12 28.85 12.39
C SER A 189 -4.99 28.00 11.48
N LEU A 190 -5.95 28.65 10.82
CA LEU A 190 -6.99 27.96 10.06
C LEU A 190 -6.45 27.19 8.86
N GLN A 191 -6.01 27.91 7.82
CA GLN A 191 -5.40 27.32 6.62
C GLN A 191 -6.32 26.42 5.82
N VAL A 192 -6.67 26.85 4.61
CA VAL A 192 -7.50 26.06 3.71
C VAL A 192 -6.76 25.91 2.40
N GLU A 193 -6.60 24.67 1.94
CA GLU A 193 -5.90 24.41 0.70
C GLU A 193 -6.79 24.76 -0.50
N SER A 194 -6.14 24.97 -1.64
CA SER A 194 -6.88 25.27 -2.87
C SER A 194 -7.57 24.01 -3.39
N ALA A 195 -8.51 24.20 -4.31
CA ALA A 195 -9.22 23.08 -4.88
C ALA A 195 -8.27 22.17 -5.62
N ASN A 196 -8.44 20.86 -5.40
CA ASN A 196 -7.60 19.87 -6.05
C ASN A 196 -8.01 19.71 -7.51
N LEU A 197 -7.03 19.53 -8.38
CA LEU A 197 -7.27 19.29 -9.80
C LEU A 197 -6.98 17.84 -10.14
N MET A 198 -7.82 17.27 -11.01
CA MET A 198 -7.54 15.93 -11.53
C MET A 198 -6.23 15.95 -12.32
N LEU A 199 -5.37 14.96 -12.05
CA LEU A 199 -4.04 14.88 -12.68
C LEU A 199 -4.19 14.23 -14.05
N SER A 200 -4.27 15.06 -15.09
CA SER A 200 -4.61 14.54 -16.42
C SER A 200 -3.60 13.52 -16.93
N ASP A 201 -2.30 13.72 -16.61
CA ASP A 201 -1.28 12.75 -17.03
C ASP A 201 -1.61 11.36 -16.51
N ASN A 202 -2.08 11.28 -15.28
CA ASN A 202 -2.42 10.00 -14.66
C ASN A 202 -3.70 9.44 -15.25
N VAL A 203 -4.65 10.30 -15.60
CA VAL A 203 -5.90 9.82 -16.19
C VAL A 203 -5.64 9.22 -17.56
N VAL A 204 -4.76 9.84 -18.36
CA VAL A 204 -4.38 9.25 -19.65
C VAL A 204 -3.77 7.87 -19.44
N ALA A 205 -2.86 7.75 -18.47
CA ALA A 205 -2.26 6.44 -18.18
C ALA A 205 -3.31 5.41 -17.78
N PHE A 206 -4.28 5.83 -16.97
CA PHE A 206 -5.38 4.96 -16.54
C PHE A 206 -6.19 4.47 -17.74
N LEU A 207 -6.48 5.36 -18.69
CA LEU A 207 -7.26 4.93 -19.84
C LEU A 207 -6.48 4.01 -20.77
N TYR A 208 -5.15 4.17 -20.86
CA TYR A 208 -4.35 3.19 -21.60
C TYR A 208 -4.38 1.83 -20.90
N ALA A 209 -4.25 1.82 -19.56
CA ALA A 209 -4.36 0.56 -18.82
C ALA A 209 -5.70 -0.12 -19.09
N ALA A 210 -6.77 0.67 -19.14
CA ALA A 210 -8.10 0.15 -19.47
C ALA A 210 -8.12 -0.50 -20.85
N LEU A 211 -7.59 0.21 -21.86
CA LEU A 211 -7.50 -0.33 -23.21
C LEU A 211 -6.72 -1.63 -23.24
N LEU A 212 -5.61 -1.68 -22.50
CA LEU A 212 -4.77 -2.88 -22.49
C LEU A 212 -5.44 -4.04 -21.78
N ASN A 213 -6.41 -3.76 -20.91
CA ASN A 213 -7.21 -4.80 -20.27
C ASN A 213 -8.49 -5.11 -21.03
N GLY A 214 -8.63 -4.62 -22.27
CA GLY A 214 -9.81 -4.92 -23.07
C GLY A 214 -11.05 -4.14 -22.75
N CYS A 215 -10.94 -3.07 -21.97
CA CYS A 215 -12.08 -2.23 -21.60
C CYS A 215 -12.05 -0.99 -22.49
N ARG A 216 -12.99 -0.91 -23.45
CA ARG A 216 -12.91 0.16 -24.43
C ARG A 216 -14.27 0.71 -24.86
N TRP A 217 -15.34 0.43 -24.11
CA TRP A 217 -16.67 0.95 -24.45
C TRP A 217 -16.71 2.47 -24.54
N TRP A 218 -15.78 3.14 -23.82
CA TRP A 218 -15.76 4.59 -23.63
C TRP A 218 -14.91 5.32 -24.66
N LEU A 219 -14.21 4.61 -25.54
CA LEU A 219 -13.17 5.21 -26.36
C LEU A 219 -13.74 6.14 -27.43
N CYS A 220 -13.25 7.37 -27.47
CA CYS A 220 -13.64 8.33 -28.51
C CYS A 220 -12.77 8.22 -29.74
N SER A 221 -13.40 8.29 -30.91
CA SER A 221 -12.68 8.48 -32.16
C SER A 221 -12.33 9.93 -32.41
N THR A 222 -13.05 10.86 -31.78
CA THR A 222 -12.69 12.27 -31.79
C THR A 222 -11.29 12.47 -31.23
N ARG A 223 -10.59 13.47 -31.77
CA ARG A 223 -9.28 13.89 -31.28
C ARG A 223 -9.36 15.33 -30.80
N VAL A 224 -8.76 15.59 -29.64
CA VAL A 224 -8.57 16.95 -29.14
C VAL A 224 -7.08 17.15 -28.95
N ASN A 225 -6.53 18.23 -29.52
CA ASN A 225 -5.09 18.41 -29.39
C ASN A 225 -4.75 18.95 -28.00
N VAL A 226 -3.45 18.94 -27.68
CA VAL A 226 -3.01 19.32 -26.34
C VAL A 226 -3.44 20.74 -25.99
N ASP A 227 -3.24 21.70 -26.91
CA ASP A 227 -3.57 23.08 -26.59
C ASP A 227 -5.06 23.23 -26.27
N GLY A 228 -5.92 22.63 -27.09
CA GLY A 228 -7.35 22.69 -26.84
C GLY A 228 -7.74 21.98 -25.56
N PHE A 229 -7.17 20.79 -25.31
CA PHE A 229 -7.46 20.11 -24.07
C PHE A 229 -7.08 20.96 -22.86
N ASN A 230 -5.91 21.60 -22.91
CA ASN A 230 -5.44 22.35 -21.75
C ASN A 230 -6.36 23.54 -21.47
N GLU A 231 -6.91 24.15 -22.51
CA GLU A 231 -7.89 25.23 -22.32
C GLU A 231 -9.17 24.70 -21.69
N TRP A 232 -9.63 23.53 -22.13
CA TRP A 232 -10.79 22.91 -21.49
C TRP A 232 -10.49 22.51 -20.05
N ALA A 233 -9.28 21.99 -19.81
CA ALA A 233 -8.98 21.46 -18.48
C ALA A 233 -9.05 22.53 -17.40
N MET A 234 -8.53 23.72 -17.68
CA MET A 234 -8.51 24.75 -16.65
C MET A 234 -9.91 25.21 -16.27
N ALA A 235 -10.89 25.04 -17.15
CA ALA A 235 -12.28 25.40 -16.87
C ALA A 235 -13.07 24.24 -16.30
N ASN A 236 -12.45 23.07 -16.11
CA ASN A 236 -13.17 21.86 -15.74
C ASN A 236 -12.46 21.05 -14.66
N GLY A 237 -11.55 21.67 -13.91
CA GLY A 237 -10.97 21.02 -12.74
C GLY A 237 -9.91 19.99 -13.04
N TYR A 238 -9.22 20.12 -14.16
CA TYR A 238 -8.18 19.20 -14.59
C TYR A 238 -6.88 19.96 -14.80
N THR A 239 -5.75 19.27 -14.62
CA THR A 239 -4.49 19.88 -14.98
C THR A 239 -4.30 19.85 -16.49
N SER A 240 -3.35 20.65 -16.96
CA SER A 240 -2.87 20.45 -18.32
C SER A 240 -2.29 19.04 -18.46
N VAL A 241 -2.28 18.54 -19.68
CA VAL A 241 -1.53 17.33 -19.97
C VAL A 241 -0.11 17.75 -20.34
N SER A 242 0.89 17.09 -19.74
CA SER A 242 2.26 17.59 -19.82
C SER A 242 2.82 17.42 -21.22
N SER A 243 2.56 16.29 -21.86
CA SER A 243 3.16 15.97 -23.14
C SER A 243 2.52 14.67 -23.62
N VAL A 244 2.73 14.35 -24.89
CA VAL A 244 2.14 13.17 -25.49
C VAL A 244 3.18 12.09 -25.75
N GLU A 245 4.44 12.45 -25.96
CA GLU A 245 5.39 11.49 -26.52
C GLU A 245 5.74 10.39 -25.53
N CYS A 246 5.72 10.66 -24.23
CA CYS A 246 6.01 9.63 -23.25
C CYS A 246 5.03 8.46 -23.32
N TYR A 247 3.85 8.66 -23.90
CA TYR A 247 2.88 7.59 -24.02
C TYR A 247 3.06 6.76 -25.28
N SER A 248 4.10 7.01 -26.07
CA SER A 248 4.15 6.44 -27.43
C SER A 248 4.19 4.92 -27.40
N ILE A 249 4.80 4.31 -26.38
CA ILE A 249 4.83 2.86 -26.29
C ILE A 249 3.42 2.30 -26.15
N LEU A 250 2.61 2.90 -25.28
CA LEU A 250 1.25 2.42 -25.09
C LEU A 250 0.35 2.78 -26.27
N ALA A 251 0.59 3.94 -26.90
CA ALA A 251 -0.16 4.30 -28.08
C ALA A 251 0.06 3.30 -29.21
N ALA A 252 1.31 2.85 -29.38
CA ALA A 252 1.61 1.85 -30.40
C ALA A 252 0.96 0.51 -30.07
N LYS A 253 0.97 0.10 -28.80
CA LYS A 253 0.38 -1.19 -28.45
C LYS A 253 -1.14 -1.20 -28.66
N THR A 254 -1.81 -0.09 -28.35
CA THR A 254 -3.26 -0.01 -28.44
C THR A 254 -3.77 0.53 -29.76
N GLY A 255 -2.93 1.20 -30.54
CA GLY A 255 -3.38 1.91 -31.71
C GLY A 255 -4.20 3.16 -31.43
N VAL A 256 -4.14 3.70 -30.21
CA VAL A 256 -4.97 4.81 -29.80
C VAL A 256 -4.07 6.00 -29.46
N SER A 257 -4.37 7.16 -30.03
CA SER A 257 -3.53 8.34 -29.82
C SER A 257 -3.87 9.00 -28.49
N VAL A 258 -2.90 9.74 -27.94
CA VAL A 258 -3.18 10.51 -26.74
C VAL A 258 -4.34 11.47 -26.99
N GLU A 259 -4.41 12.06 -28.18
CA GLU A 259 -5.44 13.03 -28.46
C GLU A 259 -6.84 12.38 -28.44
N GLN A 260 -6.93 11.10 -28.79
CA GLN A 260 -8.21 10.40 -28.61
C GLN A 260 -8.56 10.26 -27.14
N LEU A 261 -7.54 10.04 -26.29
CA LEU A 261 -7.84 9.92 -24.87
C LEU A 261 -8.19 11.27 -24.25
N LEU A 262 -7.58 12.36 -24.74
CA LEU A 262 -7.99 13.69 -24.30
C LEU A 262 -9.44 13.96 -24.63
N ALA A 263 -9.87 13.58 -25.85
CA ALA A 263 -11.29 13.64 -26.19
C ALA A 263 -12.12 12.76 -25.28
N SER A 264 -11.62 11.57 -24.94
CA SER A 264 -12.37 10.65 -24.09
C SER A 264 -12.54 11.20 -22.68
N ILE A 265 -11.53 11.90 -22.15
CA ILE A 265 -11.67 12.53 -20.84
C ILE A 265 -12.82 13.52 -20.85
N GLN A 266 -12.91 14.33 -21.90
CA GLN A 266 -14.00 15.29 -22.02
C GLN A 266 -15.34 14.58 -22.12
N HIS A 267 -15.37 13.42 -22.76
CA HIS A 267 -16.60 12.63 -22.88
C HIS A 267 -17.03 12.06 -21.53
N LEU A 268 -16.07 11.67 -20.71
CA LEU A 268 -16.31 10.94 -19.47
C LEU A 268 -16.25 11.82 -18.22
N HIS A 269 -15.94 13.11 -18.37
CA HIS A 269 -15.64 13.99 -17.24
C HIS A 269 -16.79 14.09 -16.25
N GLU A 270 -18.03 14.01 -16.73
CA GLU A 270 -19.19 14.15 -15.87
C GLU A 270 -19.63 12.83 -15.24
N GLY A 271 -19.24 11.70 -15.80
CA GLY A 271 -19.61 10.42 -15.24
C GLY A 271 -19.66 9.34 -16.30
N PHE A 272 -19.82 8.11 -15.82
CA PHE A 272 -19.82 6.93 -16.67
C PHE A 272 -21.22 6.43 -17.00
N GLY A 273 -22.26 7.07 -16.50
CA GLY A 273 -23.61 6.64 -16.80
C GLY A 273 -23.91 5.22 -16.36
N GLY A 274 -23.49 4.86 -15.15
CA GLY A 274 -23.75 3.55 -14.60
C GLY A 274 -22.76 2.48 -14.99
N LYS A 275 -21.87 2.73 -15.93
CA LYS A 275 -20.86 1.75 -16.30
C LYS A 275 -19.61 1.95 -15.46
N ASN A 276 -18.58 1.17 -15.75
CA ASN A 276 -17.34 1.25 -15.00
C ASN A 276 -16.15 1.02 -15.92
N ILE A 277 -15.00 1.54 -15.49
CA ILE A 277 -13.73 1.34 -16.15
C ILE A 277 -12.79 0.76 -15.10
N LEU A 278 -12.40 -0.50 -15.28
CA LEU A 278 -11.54 -1.21 -14.33
C LEU A 278 -12.10 -1.09 -12.91
N GLY A 279 -13.43 -1.15 -12.80
CA GLY A 279 -14.11 -1.11 -11.53
C GLY A 279 -14.35 0.27 -10.96
N TYR A 280 -13.80 1.32 -11.56
CA TYR A 280 -14.05 2.69 -11.10
C TYR A 280 -15.31 3.23 -11.76
N SER A 281 -16.06 4.03 -11.00
CA SER A 281 -17.28 4.65 -11.48
C SER A 281 -17.05 6.06 -12.00
N SER A 282 -15.81 6.55 -11.91
CA SER A 282 -15.45 7.87 -12.40
C SER A 282 -13.97 7.80 -12.74
N LEU A 283 -13.49 8.82 -13.45
CA LEU A 283 -12.11 8.78 -13.93
C LEU A 283 -11.13 8.74 -12.75
N CYS A 284 -10.09 7.94 -12.91
CA CYS A 284 -9.11 7.69 -11.86
C CYS A 284 -7.80 8.37 -12.18
N ASP A 285 -7.31 9.21 -11.26
CA ASP A 285 -6.00 9.86 -11.43
C ASP A 285 -4.97 9.36 -10.42
N GLU A 286 -5.16 8.14 -9.89
CA GLU A 286 -4.26 7.63 -8.85
C GLU A 286 -2.94 7.09 -9.40
N PHE A 287 -2.88 6.68 -10.67
CA PHE A 287 -1.75 5.92 -11.19
C PHE A 287 -0.98 6.71 -12.23
N THR A 288 0.34 6.76 -12.09
CA THR A 288 1.19 7.42 -13.08
C THR A 288 1.47 6.50 -14.26
N LEU A 289 1.95 7.11 -15.35
CA LEU A 289 2.41 6.35 -16.49
C LEU A 289 3.44 5.31 -16.07
N ALA A 290 4.43 5.74 -15.26
CA ALA A 290 5.47 4.82 -14.84
C ALA A 290 4.89 3.64 -14.06
N GLU A 291 3.92 3.90 -13.18
CA GLU A 291 3.28 2.81 -12.45
C GLU A 291 2.53 1.87 -13.38
N VAL A 292 1.79 2.42 -14.35
CA VAL A 292 1.06 1.55 -15.28
C VAL A 292 2.05 0.69 -16.06
N VAL A 293 3.15 1.27 -16.52
CA VAL A 293 4.12 0.51 -17.30
C VAL A 293 4.86 -0.50 -16.43
N LYS A 294 5.18 -0.11 -15.19
CA LYS A 294 5.90 -1.04 -14.30
C LYS A 294 5.02 -2.23 -13.93
N GLN A 295 3.77 -1.96 -13.55
CA GLN A 295 2.90 -3.02 -13.08
C GLN A 295 2.41 -3.93 -14.19
N MET A 296 2.34 -3.46 -15.43
CA MET A 296 1.87 -4.32 -16.49
C MET A 296 3.00 -4.99 -17.25
N TYR A 297 4.17 -4.38 -17.32
CA TYR A 297 5.27 -4.91 -18.11
C TYR A 297 6.60 -4.98 -17.37
N GLY A 298 6.66 -4.52 -16.11
CA GLY A 298 7.87 -4.62 -15.34
C GLY A 298 9.01 -3.74 -15.81
N VAL A 299 8.73 -2.76 -16.65
CA VAL A 299 9.79 -1.91 -17.16
C VAL A 299 9.59 -0.46 -16.72
N GLY B 1 -10.29 9.83 5.14
CA GLY B 1 -10.98 8.57 5.02
C GLY B 1 -10.09 7.36 5.28
N LEU B 2 -10.40 6.25 4.61
CA LEU B 2 -9.66 5.01 4.76
C LEU B 2 -8.69 4.85 3.59
N LYS B 3 -7.51 4.32 3.90
CA LYS B 3 -6.51 4.00 2.89
C LYS B 3 -5.99 2.60 3.16
N LYS B 4 -5.94 1.77 2.12
CA LYS B 4 -5.31 0.47 2.27
C LYS B 4 -3.82 0.69 2.41
N MET B 5 -3.24 0.18 3.49
CA MET B 5 -1.79 0.26 3.60
C MET B 5 -1.25 -1.11 3.94
N ALA B 6 0.05 -1.21 3.88
CA ALA B 6 0.76 -2.43 4.20
C ALA B 6 1.54 -2.21 5.48
N GLN B 7 1.77 -3.28 6.21
CA GLN B 7 2.68 -3.16 7.33
C GLN B 7 4.10 -3.11 6.80
N PRO B 8 5.03 -2.50 7.55
CA PRO B 8 6.38 -2.33 7.02
C PRO B 8 7.02 -3.67 6.66
N SER B 9 7.85 -3.65 5.63
CA SER B 9 8.35 -4.87 5.00
C SER B 9 9.77 -5.24 5.37
N GLY B 10 10.47 -4.40 6.13
CA GLY B 10 11.89 -4.64 6.37
C GLY B 10 12.22 -6.04 6.84
N CYS B 11 11.49 -6.54 7.84
CA CYS B 11 11.86 -7.83 8.42
C CYS B 11 11.63 -8.98 7.44
N VAL B 12 10.71 -8.81 6.50
CA VAL B 12 10.45 -9.84 5.50
C VAL B 12 11.41 -9.75 4.31
N GLU B 13 11.83 -8.53 3.95
CA GLU B 13 12.76 -8.37 2.84
C GLU B 13 14.01 -9.21 3.03
N ARG B 14 14.50 -9.27 4.27
CA ARG B 14 15.71 -10.02 4.57
C ARG B 14 15.52 -11.53 4.49
N CYS B 15 14.32 -12.01 4.20
CA CYS B 15 14.09 -13.44 4.03
C CYS B 15 13.90 -13.86 2.59
N VAL B 16 13.89 -12.92 1.65
CA VAL B 16 13.58 -13.25 0.27
C VAL B 16 14.84 -13.71 -0.46
N VAL B 17 14.76 -14.84 -1.16
CA VAL B 17 15.88 -15.34 -1.93
C VAL B 17 15.44 -15.69 -3.34
N ARG B 18 16.44 -15.79 -4.22
CA ARG B 18 16.25 -16.23 -5.60
C ARG B 18 16.44 -17.75 -5.65
N VAL B 19 15.45 -18.45 -6.21
CA VAL B 19 15.52 -19.91 -6.36
C VAL B 19 15.45 -20.26 -7.84
N CYS B 20 16.44 -21.00 -8.31
CA CYS B 20 16.51 -21.39 -9.71
C CYS B 20 16.65 -22.90 -9.77
N TYR B 21 15.89 -23.52 -10.67
CA TYR B 21 16.06 -24.95 -10.97
C TYR B 21 16.16 -25.06 -12.49
N GLY B 22 17.32 -25.47 -12.98
CA GLY B 22 17.52 -25.44 -14.42
C GLY B 22 17.39 -24.03 -14.94
N SER B 23 16.50 -23.83 -15.90
CA SER B 23 16.30 -22.50 -16.48
C SER B 23 15.23 -21.68 -15.76
N THR B 24 14.49 -22.30 -14.83
CA THR B 24 13.33 -21.67 -14.22
C THR B 24 13.74 -20.92 -12.96
N VAL B 25 13.29 -19.67 -12.84
CA VAL B 25 13.64 -18.80 -11.72
C VAL B 25 12.35 -18.32 -11.05
N LEU B 26 12.34 -18.36 -9.72
CA LEU B 26 11.28 -17.68 -8.97
C LEU B 26 11.85 -17.34 -7.59
N ASN B 27 10.97 -17.00 -6.65
CA ASN B 27 11.41 -16.56 -5.33
C ASN B 27 11.17 -17.63 -4.29
N GLY B 28 11.99 -17.57 -3.22
CA GLY B 28 11.79 -18.41 -2.06
C GLY B 28 11.90 -17.58 -0.79
N VAL B 29 11.51 -18.20 0.32
CA VAL B 29 11.53 -17.55 1.63
C VAL B 29 12.45 -18.35 2.55
N TRP B 30 13.49 -17.67 3.06
CA TRP B 30 14.59 -18.30 3.79
C TRP B 30 14.41 -17.98 5.27
N LEU B 31 14.12 -19.02 6.05
CA LEU B 31 13.90 -18.91 7.50
C LEU B 31 14.68 -20.01 8.16
N GLY B 32 15.55 -19.65 9.11
CA GLY B 32 16.47 -20.65 9.62
C GLY B 32 17.27 -21.18 8.44
N ASP B 33 17.40 -22.51 8.38
CA ASP B 33 18.15 -23.16 7.30
C ASP B 33 17.23 -23.78 6.25
N THR B 34 16.02 -23.24 6.09
CA THR B 34 15.04 -23.77 5.16
C THR B 34 14.60 -22.66 4.20
N VAL B 35 14.59 -22.98 2.91
CA VAL B 35 14.01 -22.10 1.90
C VAL B 35 12.73 -22.77 1.42
N THR B 36 11.61 -22.08 1.55
CA THR B 36 10.33 -22.56 1.02
C THR B 36 10.04 -21.87 -0.32
N CYS B 37 9.67 -22.64 -1.33
CA CYS B 37 9.32 -22.05 -2.62
C CYS B 37 8.23 -22.91 -3.27
N PRO B 38 7.55 -22.38 -4.29
CA PRO B 38 6.58 -23.21 -5.02
C PRO B 38 7.25 -24.40 -5.70
N ARG B 39 6.60 -25.56 -5.59
CA ARG B 39 7.16 -26.75 -6.21
C ARG B 39 7.18 -26.67 -7.72
N HIS B 40 6.35 -25.81 -8.35
CA HIS B 40 6.41 -25.82 -9.81
C HIS B 40 7.72 -25.30 -10.37
N VAL B 41 8.67 -24.87 -9.52
CA VAL B 41 9.99 -24.55 -10.02
C VAL B 41 10.67 -25.75 -10.65
N ILE B 42 10.27 -26.98 -10.29
CA ILE B 42 10.87 -28.18 -10.88
C ILE B 42 10.02 -28.74 -12.02
N ALA B 43 9.00 -28.00 -12.48
CA ALA B 43 8.19 -28.49 -13.58
C ALA B 43 8.97 -28.45 -14.89
N PRO B 44 8.79 -29.45 -15.75
CA PRO B 44 9.48 -29.44 -17.04
C PRO B 44 8.94 -28.36 -17.97
N SER B 45 9.78 -27.94 -18.92
CA SER B 45 9.39 -26.96 -19.94
C SER B 45 8.65 -27.67 -21.07
N THR B 46 7.56 -28.31 -20.70
CA THR B 46 6.56 -28.82 -21.61
C THR B 46 5.24 -28.17 -21.27
N THR B 47 4.24 -28.37 -22.11
CA THR B 47 2.96 -27.70 -21.90
C THR B 47 1.88 -28.66 -21.43
N VAL B 48 2.23 -29.90 -21.10
CA VAL B 48 1.26 -30.88 -20.65
C VAL B 48 1.04 -30.75 -19.15
N LEU B 49 0.12 -31.56 -18.63
CA LEU B 49 -0.06 -31.67 -17.19
C LEU B 49 1.21 -32.19 -16.55
N ILE B 50 1.52 -31.66 -15.38
CA ILE B 50 2.76 -31.97 -14.68
C ILE B 50 2.53 -33.13 -13.74
N ASP B 51 3.41 -34.13 -13.82
CA ASP B 51 3.46 -35.23 -12.85
C ASP B 51 4.52 -34.88 -11.81
N TYR B 52 4.07 -34.34 -10.67
CA TYR B 52 5.02 -33.84 -9.68
C TYR B 52 5.75 -34.97 -8.97
N ASP B 53 5.10 -36.13 -8.79
CA ASP B 53 5.80 -37.24 -8.16
C ASP B 53 6.97 -37.72 -9.02
N HIS B 54 6.78 -37.76 -10.33
CA HIS B 54 7.88 -38.07 -11.23
C HIS B 54 8.90 -36.94 -11.28
N ALA B 55 8.42 -35.69 -11.34
CA ALA B 55 9.34 -34.56 -11.31
C ALA B 55 10.21 -34.60 -10.07
N TYR B 56 9.61 -34.93 -8.93
CA TYR B 56 10.37 -34.93 -7.68
C TYR B 56 11.32 -36.13 -7.61
N SER B 57 10.88 -37.28 -8.11
CA SER B 57 11.72 -38.47 -8.07
C SER B 57 12.96 -38.30 -8.95
N THR B 58 12.87 -37.56 -10.05
CA THR B 58 13.99 -37.37 -10.95
C THR B 58 14.76 -36.07 -10.69
N MET B 59 14.37 -35.32 -9.66
CA MET B 59 15.06 -34.09 -9.31
C MET B 59 16.53 -34.35 -9.00
N ARG B 60 17.39 -33.42 -9.39
CA ARG B 60 18.81 -33.44 -9.04
C ARG B 60 19.15 -32.21 -8.21
N LEU B 61 19.80 -32.41 -7.07
CA LEU B 61 20.08 -31.30 -6.17
C LEU B 61 21.02 -30.28 -6.81
N HIS B 62 21.97 -30.75 -7.63
CA HIS B 62 22.92 -29.86 -8.28
C HIS B 62 22.26 -28.92 -9.29
N ASN B 63 21.02 -29.19 -9.71
CA ASN B 63 20.28 -28.30 -10.60
C ASN B 63 19.72 -27.07 -9.89
N PHE B 64 19.73 -27.05 -8.56
CA PHE B 64 19.28 -25.89 -7.81
C PHE B 64 20.36 -24.84 -7.69
N SER B 65 19.95 -23.57 -7.76
CA SER B 65 20.79 -22.44 -7.39
C SER B 65 19.95 -21.54 -6.50
N VAL B 66 20.38 -21.38 -5.25
CA VAL B 66 19.69 -20.55 -4.27
C VAL B 66 20.63 -19.44 -3.83
N SER B 67 20.17 -18.19 -3.94
CA SER B 67 21.04 -17.08 -3.62
C SER B 67 20.29 -15.95 -2.92
N HIS B 68 21.00 -15.22 -2.08
CA HIS B 68 20.49 -14.02 -1.42
C HIS B 68 21.48 -12.91 -1.69
N ASN B 69 21.00 -11.84 -2.33
CA ASN B 69 21.84 -10.69 -2.67
C ASN B 69 23.08 -11.13 -3.46
N GLY B 70 22.90 -12.08 -4.38
CA GLY B 70 23.99 -12.58 -5.18
C GLY B 70 24.99 -13.46 -4.45
N VAL B 71 24.71 -13.84 -3.22
CA VAL B 71 25.54 -14.77 -2.47
C VAL B 71 24.88 -16.15 -2.51
N PHE B 72 25.62 -17.17 -2.93
CA PHE B 72 25.00 -18.46 -3.15
C PHE B 72 25.03 -19.32 -1.89
N LEU B 73 23.90 -19.94 -1.59
CA LEU B 73 23.78 -20.84 -0.45
C LEU B 73 23.89 -22.28 -0.94
N GLY B 74 24.50 -23.14 -0.13
CA GLY B 74 24.64 -24.53 -0.52
C GLY B 74 23.37 -25.32 -0.24
N VAL B 75 22.87 -25.99 -1.28
CA VAL B 75 21.67 -26.82 -1.13
C VAL B 75 22.08 -28.17 -0.55
N VAL B 76 21.41 -28.57 0.52
CA VAL B 76 21.72 -29.81 1.23
C VAL B 76 20.70 -30.91 0.94
N GLY B 77 19.44 -30.54 0.83
CA GLY B 77 18.39 -31.52 0.57
C GLY B 77 17.10 -30.79 0.26
N VAL B 78 16.13 -31.55 -0.26
CA VAL B 78 14.85 -30.97 -0.68
C VAL B 78 13.75 -31.98 -0.41
N THR B 79 12.66 -31.53 0.21
CA THR B 79 11.45 -32.33 0.36
C THR B 79 10.26 -31.57 -0.20
N MET B 80 9.24 -32.32 -0.61
CA MET B 80 8.02 -31.74 -1.17
C MET B 80 6.88 -31.91 -0.18
N HIS B 81 6.12 -30.83 0.03
CA HIS B 81 5.00 -30.81 0.96
C HIS B 81 3.85 -30.11 0.25
N GLY B 82 2.85 -30.87 -0.18
CA GLY B 82 1.78 -30.27 -0.96
C GLY B 82 2.35 -29.54 -2.15
N SER B 83 2.08 -28.24 -2.26
CA SER B 83 2.51 -27.45 -3.41
C SER B 83 3.80 -26.68 -3.16
N VAL B 84 4.55 -26.99 -2.10
CA VAL B 84 5.81 -26.29 -1.86
C VAL B 84 6.94 -27.29 -1.74
N LEU B 85 8.15 -26.77 -1.96
CA LEU B 85 9.39 -27.46 -1.63
C LEU B 85 9.98 -26.82 -0.41
N ARG B 86 10.60 -27.65 0.43
CA ARG B 86 11.42 -27.15 1.53
C ARG B 86 12.86 -27.51 1.20
N ILE B 87 13.63 -26.51 0.80
CA ILE B 87 15.02 -26.68 0.44
C ILE B 87 15.87 -26.42 1.68
N LYS B 88 16.53 -27.46 2.17
CA LYS B 88 17.49 -27.27 3.26
C LYS B 88 18.80 -26.73 2.71
N VAL B 89 19.31 -25.67 3.34
CA VAL B 89 20.54 -25.05 2.91
C VAL B 89 21.55 -25.13 4.06
N SER B 90 22.83 -25.02 3.71
CA SER B 90 23.90 -25.23 4.67
C SER B 90 24.15 -24.01 5.54
N GLN B 91 23.37 -22.95 5.37
CA GLN B 91 23.55 -21.72 6.12
C GLN B 91 22.21 -21.25 6.64
N SER B 92 22.15 -20.89 7.91
CA SER B 92 20.93 -20.36 8.49
C SER B 92 20.88 -18.85 8.26
N ASN B 93 19.67 -18.35 8.02
CA ASN B 93 19.45 -16.92 7.83
C ASN B 93 19.60 -16.20 9.17
N VAL B 94 20.69 -15.44 9.33
CA VAL B 94 20.91 -14.70 10.58
C VAL B 94 19.88 -13.58 10.77
N HIS B 95 19.11 -13.24 9.74
CA HIS B 95 18.08 -12.22 9.88
C HIS B 95 16.68 -12.82 9.96
N THR B 96 16.57 -14.07 10.37
CA THR B 96 15.26 -14.69 10.51
C THR B 96 14.47 -13.97 11.58
N PRO B 97 13.30 -13.42 11.27
CA PRO B 97 12.52 -12.75 12.33
C PRO B 97 11.82 -13.77 13.20
N LYS B 98 11.44 -13.32 14.40
CA LYS B 98 10.50 -14.06 15.21
C LYS B 98 9.24 -14.32 14.38
N HIS B 99 8.84 -15.58 14.26
CA HIS B 99 7.80 -15.87 13.28
C HIS B 99 7.04 -17.14 13.61
N VAL B 100 5.85 -17.24 13.02
CA VAL B 100 5.02 -18.45 13.03
C VAL B 100 4.42 -18.58 11.65
N PHE B 101 3.78 -19.73 11.40
CA PHE B 101 3.02 -19.94 10.18
C PHE B 101 1.54 -19.93 10.51
N LYS B 102 0.76 -19.22 9.70
CA LYS B 102 -0.67 -19.05 9.94
C LYS B 102 -1.43 -19.25 8.65
N THR B 103 -2.52 -20.03 8.71
CA THR B 103 -3.36 -20.23 7.53
C THR B 103 -4.49 -19.21 7.54
N LEU B 104 -4.61 -18.46 6.46
CA LEU B 104 -5.63 -17.43 6.34
C LEU B 104 -7.01 -18.06 6.17
N LYS B 105 -8.03 -17.31 6.59
CA LYS B 105 -9.41 -17.60 6.26
C LYS B 105 -9.99 -16.47 5.42
N PRO B 106 -10.99 -16.75 4.57
CA PRO B 106 -11.59 -15.68 3.76
C PRO B 106 -12.02 -14.52 4.65
N GLY B 107 -11.77 -13.30 4.16
CA GLY B 107 -11.99 -12.11 4.92
C GLY B 107 -10.80 -11.60 5.70
N ASP B 108 -9.73 -12.40 5.81
CA ASP B 108 -8.52 -11.95 6.48
C ASP B 108 -7.76 -10.99 5.58
N SER B 109 -7.26 -9.91 6.17
CA SER B 109 -6.33 -9.04 5.47
C SER B 109 -4.90 -9.49 5.74
N PHE B 110 -4.03 -9.21 4.78
CA PHE B 110 -2.60 -9.49 4.96
C PHE B 110 -1.81 -8.63 3.99
N ASN B 111 -0.49 -8.75 4.08
CA ASN B 111 0.41 -7.95 3.27
C ASN B 111 1.14 -8.83 2.29
N ILE B 112 1.35 -8.34 1.08
CA ILE B 112 2.17 -9.02 0.07
C ILE B 112 3.44 -8.23 -0.16
N LEU B 113 4.57 -8.92 -0.12
CA LEU B 113 5.82 -8.37 -0.61
C LEU B 113 6.05 -8.96 -2.00
N ALA B 114 5.80 -8.16 -3.04
CA ALA B 114 5.94 -8.60 -4.42
C ALA B 114 7.42 -8.64 -4.81
N CYS B 115 7.89 -9.81 -5.22
CA CYS B 115 9.32 -10.04 -5.45
C CYS B 115 9.56 -10.62 -6.83
N TYR B 116 10.73 -10.28 -7.40
CA TYR B 116 11.16 -10.82 -8.69
C TYR B 116 12.65 -11.13 -8.62
N GLU B 117 13.03 -12.34 -9.04
CA GLU B 117 14.44 -12.77 -9.00
C GLU B 117 15.05 -12.64 -7.60
N GLY B 118 14.24 -12.81 -6.56
CA GLY B 118 14.71 -12.75 -5.20
C GLY B 118 14.88 -11.35 -4.66
N ILE B 119 14.30 -10.35 -5.30
CA ILE B 119 14.44 -8.96 -4.88
C ILE B 119 13.05 -8.34 -4.76
N ALA B 120 12.76 -7.75 -3.60
CA ALA B 120 11.45 -7.12 -3.41
C ALA B 120 11.31 -5.87 -4.26
N SER B 121 10.14 -5.71 -4.85
CA SER B 121 9.85 -4.53 -5.65
C SER B 121 8.68 -3.72 -5.12
N GLY B 122 7.73 -4.34 -4.41
CA GLY B 122 6.57 -3.59 -3.95
C GLY B 122 5.91 -4.26 -2.76
N VAL B 123 5.15 -3.49 -2.00
CA VAL B 123 4.44 -4.02 -0.84
C VAL B 123 3.03 -3.45 -0.81
N PHE B 124 2.03 -4.30 -0.57
CA PHE B 124 0.67 -3.81 -0.55
C PHE B 124 -0.19 -4.70 0.31
N GLY B 125 -1.29 -4.12 0.82
CA GLY B 125 -2.27 -4.88 1.56
C GLY B 125 -3.32 -5.47 0.65
N VAL B 126 -3.79 -6.67 1.01
CA VAL B 126 -4.83 -7.39 0.26
C VAL B 126 -5.74 -8.11 1.25
N ASN B 127 -6.89 -8.57 0.73
CA ASN B 127 -7.82 -9.39 1.50
C ASN B 127 -8.03 -10.71 0.79
N LEU B 128 -8.05 -11.79 1.56
CA LEU B 128 -8.40 -13.09 0.99
C LEU B 128 -9.89 -13.11 0.73
N ARG B 129 -10.29 -13.37 -0.51
CA ARG B 129 -11.69 -13.27 -0.87
C ARG B 129 -12.38 -14.60 -0.62
N THR B 130 -13.71 -14.61 -0.75
CA THR B 130 -14.44 -15.82 -0.41
C THR B 130 -14.13 -16.97 -1.36
N ASN B 131 -13.67 -16.68 -2.58
CA ASN B 131 -13.26 -17.72 -3.51
C ASN B 131 -11.79 -18.09 -3.35
N PHE B 132 -11.15 -17.62 -2.28
CA PHE B 132 -9.77 -17.98 -1.90
C PHE B 132 -8.72 -17.45 -2.88
N THR B 133 -9.06 -16.44 -3.67
CA THR B 133 -8.08 -15.73 -4.47
C THR B 133 -7.87 -14.33 -3.91
N ILE B 134 -6.79 -13.70 -4.35
CA ILE B 134 -6.55 -12.29 -4.06
C ILE B 134 -6.43 -11.53 -5.37
N LYS B 135 -6.66 -10.22 -5.28
CA LYS B 135 -6.42 -9.31 -6.39
C LYS B 135 -5.10 -8.60 -6.11
N GLY B 136 -4.02 -9.26 -6.51
CA GLY B 136 -2.70 -8.67 -6.42
C GLY B 136 -2.37 -7.86 -7.66
N SER B 137 -1.17 -7.32 -7.67
CA SER B 137 -0.59 -6.80 -8.90
C SER B 137 0.74 -7.54 -9.02
N PHE B 138 0.76 -8.52 -9.91
CA PHE B 138 1.91 -9.38 -10.14
C PHE B 138 2.15 -9.48 -11.63
N ILE B 139 3.41 -9.61 -12.01
CA ILE B 139 3.76 -9.96 -13.39
C ILE B 139 4.47 -11.30 -13.32
N ASN B 140 4.89 -11.81 -14.48
CA ASN B 140 5.56 -13.11 -14.49
C ASN B 140 6.80 -13.09 -13.62
N GLY B 141 7.03 -14.19 -12.91
CA GLY B 141 8.16 -14.30 -12.01
C GLY B 141 7.85 -13.96 -10.57
N ALA B 142 6.61 -13.55 -10.26
CA ALA B 142 6.28 -13.21 -8.88
C ALA B 142 6.11 -14.42 -7.97
N CYS B 143 6.05 -15.62 -8.54
CA CYS B 143 5.83 -16.82 -7.74
C CYS B 143 6.83 -16.93 -6.60
N GLY B 144 6.33 -17.36 -5.44
CA GLY B 144 7.14 -17.41 -4.23
C GLY B 144 7.16 -16.11 -3.43
N SER B 145 6.54 -15.04 -3.94
CA SER B 145 6.38 -13.83 -3.16
C SER B 145 5.61 -14.13 -1.89
N PRO B 146 6.04 -13.62 -0.73
CA PRO B 146 5.39 -13.97 0.53
C PRO B 146 4.30 -12.99 0.93
N GLY B 147 3.29 -13.55 1.57
CA GLY B 147 2.28 -12.77 2.28
C GLY B 147 2.47 -12.95 3.78
N TYR B 148 2.26 -11.88 4.52
CA TYR B 148 2.58 -11.88 5.94
C TYR B 148 1.69 -10.92 6.71
N ASN B 149 1.67 -11.11 8.03
CA ASN B 149 1.11 -10.16 8.97
C ASN B 149 2.10 -10.03 10.12
N VAL B 150 2.16 -8.87 10.73
CA VAL B 150 3.03 -8.63 11.89
C VAL B 150 2.16 -8.38 13.10
N ARG B 151 2.29 -9.23 14.12
CA ARG B 151 1.55 -9.05 15.36
C ARG B 151 2.07 -7.88 16.16
N ASN B 152 1.30 -7.47 17.17
CA ASN B 152 1.71 -6.34 18.00
C ASN B 152 3.05 -6.61 18.68
N ASP B 153 3.28 -7.84 19.13
CA ASP B 153 4.54 -8.18 19.78
C ASP B 153 5.70 -8.35 18.81
N GLY B 154 5.47 -8.16 17.52
CA GLY B 154 6.53 -8.27 16.54
C GLY B 154 6.64 -9.62 15.86
N THR B 155 5.83 -10.60 16.24
CA THR B 155 5.87 -11.89 15.56
C THR B 155 5.37 -11.73 14.14
N VAL B 156 6.16 -12.22 13.17
CA VAL B 156 5.72 -12.26 11.78
C VAL B 156 4.92 -13.54 11.56
N GLU B 157 3.70 -13.40 11.04
CA GLU B 157 2.90 -14.55 10.61
C GLU B 157 3.10 -14.72 9.12
N PHE B 158 3.72 -15.82 8.71
CA PHE B 158 3.87 -16.11 7.29
C PHE B 158 2.66 -16.91 6.83
N CYS B 159 1.90 -16.34 5.90
CA CYS B 159 0.58 -16.88 5.59
C CYS B 159 0.31 -17.16 4.12
N TYR B 160 1.16 -16.73 3.20
CA TYR B 160 0.85 -16.86 1.78
C TYR B 160 2.15 -16.97 1.01
N LEU B 161 2.17 -17.84 0.01
CA LEU B 161 3.28 -17.97 -0.90
C LEU B 161 2.68 -17.98 -2.30
N HIS B 162 3.07 -17.02 -3.14
CA HIS B 162 2.36 -16.84 -4.39
C HIS B 162 2.62 -18.00 -5.34
N GLN B 163 1.55 -18.53 -5.95
CA GLN B 163 1.66 -19.73 -6.78
C GLN B 163 1.36 -19.46 -8.25
N ILE B 164 0.17 -18.98 -8.59
CA ILE B 164 -0.27 -18.95 -9.98
C ILE B 164 -1.24 -17.80 -10.18
N GLU B 165 -1.40 -17.39 -11.45
CA GLU B 165 -2.43 -16.46 -11.86
C GLU B 165 -3.48 -17.21 -12.68
N LEU B 166 -4.75 -17.01 -12.33
CA LEU B 166 -5.84 -17.64 -13.05
C LEU B 166 -6.14 -16.88 -14.34
N GLY B 167 -6.94 -17.50 -15.21
CA GLY B 167 -7.33 -16.85 -16.46
C GLY B 167 -8.02 -15.52 -16.24
N SER B 168 -8.74 -15.38 -15.14
CA SER B 168 -9.43 -14.14 -14.79
C SER B 168 -8.50 -13.01 -14.39
N GLY B 169 -7.22 -13.30 -14.13
CA GLY B 169 -6.33 -12.35 -13.53
C GLY B 169 -6.20 -12.48 -12.03
N ALA B 170 -7.06 -13.26 -11.38
CA ALA B 170 -6.98 -13.45 -9.95
C ALA B 170 -5.76 -14.28 -9.58
N HIS B 171 -5.28 -14.08 -8.34
CA HIS B 171 -4.04 -14.69 -7.90
C HIS B 171 -4.27 -15.72 -6.82
N VAL B 172 -3.51 -16.80 -6.91
CA VAL B 172 -3.67 -17.99 -6.09
C VAL B 172 -2.35 -18.27 -5.37
N GLY B 173 -2.43 -18.63 -4.09
CA GLY B 173 -1.24 -18.96 -3.33
C GLY B 173 -1.48 -20.14 -2.42
N SER B 174 -0.40 -20.59 -1.78
CA SER B 174 -0.47 -21.63 -0.77
C SER B 174 -0.08 -21.06 0.59
N ASP B 175 -0.37 -21.81 1.65
CA ASP B 175 0.28 -21.48 2.91
C ASP B 175 1.64 -22.20 2.95
N PHE B 176 2.37 -22.02 4.06
CA PHE B 176 3.71 -22.57 4.14
C PHE B 176 3.73 -24.05 4.45
N THR B 177 2.57 -24.68 4.68
CA THR B 177 2.48 -26.13 4.72
C THR B 177 2.34 -26.75 3.34
N GLY B 178 2.11 -25.94 2.31
CA GLY B 178 1.88 -26.45 0.99
C GLY B 178 0.42 -26.59 0.57
N SER B 179 -0.53 -26.29 1.45
CA SER B 179 -1.93 -26.32 1.06
C SER B 179 -2.27 -25.10 0.21
N VAL B 180 -2.81 -25.33 -0.98
CA VAL B 180 -3.22 -24.22 -1.84
C VAL B 180 -4.54 -23.68 -1.34
N TYR B 181 -4.60 -22.37 -1.11
CA TYR B 181 -5.87 -21.75 -0.77
C TYR B 181 -6.88 -21.99 -1.89
N GLY B 182 -8.05 -22.55 -1.53
CA GLY B 182 -9.07 -22.88 -2.52
C GLY B 182 -8.83 -24.14 -3.31
N ASN B 183 -7.71 -24.84 -3.04
CA ASN B 183 -7.36 -26.12 -3.65
C ASN B 183 -7.29 -26.06 -5.16
N PHE B 184 -6.89 -24.91 -5.70
CA PHE B 184 -6.53 -24.82 -7.11
C PHE B 184 -5.32 -25.70 -7.38
N ASP B 185 -5.15 -26.06 -8.65
CA ASP B 185 -4.02 -26.88 -9.08
C ASP B 185 -2.86 -26.01 -9.55
N ASP B 186 -1.63 -26.41 -9.20
CA ASP B 186 -0.44 -25.80 -9.80
C ASP B 186 -0.14 -26.50 -11.13
N GLN B 187 -1.04 -26.27 -12.08
CA GLN B 187 -1.07 -26.91 -13.38
C GLN B 187 -1.40 -25.87 -14.43
N PRO B 188 -1.07 -26.12 -15.70
CA PRO B 188 -1.41 -25.15 -16.75
C PRO B 188 -2.84 -25.26 -17.24
N SER B 189 -3.73 -25.84 -16.43
CA SER B 189 -5.10 -26.06 -16.81
C SER B 189 -5.94 -24.78 -16.73
N LEU B 190 -7.09 -24.80 -17.40
CA LEU B 190 -8.08 -23.74 -17.25
C LEU B 190 -8.84 -23.96 -15.95
N GLN B 191 -8.78 -22.98 -15.04
CA GLN B 191 -9.48 -23.06 -13.77
C GLN B 191 -10.30 -21.79 -13.58
N VAL B 192 -11.61 -21.95 -13.44
CA VAL B 192 -12.51 -20.82 -13.28
C VAL B 192 -12.97 -20.79 -11.83
N GLU B 193 -12.64 -19.73 -11.11
CA GLU B 193 -13.00 -19.66 -9.70
C GLU B 193 -14.48 -19.30 -9.52
N SER B 194 -15.03 -19.75 -8.40
CA SER B 194 -16.34 -19.30 -7.94
C SER B 194 -16.40 -17.79 -7.87
N ALA B 195 -17.61 -17.26 -8.04
CA ALA B 195 -17.81 -15.82 -7.89
C ALA B 195 -17.59 -15.41 -6.44
N ASN B 196 -17.01 -14.23 -6.26
CA ASN B 196 -16.82 -13.71 -4.92
C ASN B 196 -18.10 -13.17 -4.32
N LEU B 197 -18.21 -13.31 -2.99
CA LEU B 197 -19.24 -12.66 -2.22
C LEU B 197 -18.70 -11.39 -1.60
N MET B 198 -19.61 -10.45 -1.35
CA MET B 198 -19.25 -9.28 -0.57
C MET B 198 -19.01 -9.68 0.87
N LEU B 199 -17.89 -9.21 1.43
CA LEU B 199 -17.52 -9.55 2.81
C LEU B 199 -18.32 -8.67 3.75
N SER B 200 -19.42 -9.20 4.28
CA SER B 200 -20.34 -8.37 5.05
C SER B 200 -19.67 -7.75 6.26
N ASP B 201 -18.78 -8.50 6.90
CA ASP B 201 -18.06 -7.96 8.06
C ASP B 201 -17.29 -6.69 7.71
N ASN B 202 -16.68 -6.66 6.53
CA ASN B 202 -15.93 -5.49 6.11
C ASN B 202 -16.86 -4.35 5.74
N VAL B 203 -18.02 -4.65 5.15
CA VAL B 203 -18.93 -3.58 4.81
C VAL B 203 -19.46 -2.92 6.08
N VAL B 204 -19.72 -3.73 7.11
CA VAL B 204 -20.10 -3.16 8.41
C VAL B 204 -18.99 -2.27 8.94
N ALA B 205 -17.74 -2.75 8.90
CA ALA B 205 -16.62 -1.92 9.37
C ALA B 205 -16.53 -0.62 8.58
N PHE B 206 -16.70 -0.69 7.25
CA PHE B 206 -16.70 0.49 6.41
C PHE B 206 -17.79 1.48 6.79
N LEU B 207 -18.99 0.98 7.11
CA LEU B 207 -20.06 1.89 7.47
C LEU B 207 -19.80 2.55 8.83
N TYR B 208 -19.19 1.80 9.76
CA TYR B 208 -18.79 2.40 11.03
C TYR B 208 -17.75 3.49 10.80
N ALA B 209 -16.81 3.26 9.89
CA ALA B 209 -15.82 4.29 9.56
C ALA B 209 -16.51 5.51 8.98
N ALA B 210 -17.55 5.29 8.17
CA ALA B 210 -18.29 6.42 7.60
C ALA B 210 -18.98 7.23 8.69
N LEU B 211 -19.59 6.56 9.67
CA LEU B 211 -20.21 7.29 10.78
C LEU B 211 -19.18 8.10 11.55
N LEU B 212 -17.98 7.54 11.73
CA LEU B 212 -16.94 8.23 12.49
C LEU B 212 -16.32 9.39 11.71
N ASN B 213 -16.49 9.43 10.39
CA ASN B 213 -16.04 10.56 9.57
C ASN B 213 -17.17 11.53 9.26
N GLY B 214 -18.29 11.44 9.98
CA GLY B 214 -19.40 12.34 9.79
C GLY B 214 -20.33 12.01 8.66
N CYS B 215 -20.10 10.92 7.92
CA CYS B 215 -20.92 10.56 6.77
C CYS B 215 -22.07 9.68 7.23
N ARG B 216 -23.29 10.25 7.26
CA ARG B 216 -24.41 9.56 7.89
C ARG B 216 -25.73 9.67 7.12
N TRP B 217 -25.73 10.17 5.88
CA TRP B 217 -26.99 10.32 5.15
C TRP B 217 -27.68 8.98 4.93
N TRP B 218 -26.90 7.91 4.81
CA TRP B 218 -27.38 6.59 4.42
C TRP B 218 -27.99 5.79 5.56
N LEU B 219 -27.87 6.27 6.80
CA LEU B 219 -28.16 5.45 7.96
C LEU B 219 -29.65 5.13 8.06
N CYS B 220 -29.99 3.84 7.94
CA CYS B 220 -31.37 3.40 8.11
C CYS B 220 -31.83 3.62 9.53
N SER B 221 -33.06 4.12 9.68
CA SER B 221 -33.61 4.32 11.02
C SER B 221 -33.90 3.00 11.70
N THR B 222 -34.28 1.98 10.94
CA THR B 222 -34.73 0.70 11.47
C THR B 222 -33.61 -0.33 11.46
N ARG B 223 -33.91 -1.53 11.95
CA ARG B 223 -32.95 -2.58 12.18
C ARG B 223 -33.42 -3.87 11.54
N VAL B 224 -32.47 -4.75 11.23
CA VAL B 224 -32.77 -6.14 10.91
C VAL B 224 -31.81 -7.00 11.73
N ASN B 225 -32.31 -8.14 12.23
CA ASN B 225 -31.44 -8.92 13.07
C ASN B 225 -30.52 -9.78 12.22
N VAL B 226 -29.60 -10.49 12.88
CA VAL B 226 -28.60 -11.26 12.17
C VAL B 226 -29.25 -12.37 11.33
N ASP B 227 -30.23 -13.07 11.91
CA ASP B 227 -30.88 -14.16 11.18
C ASP B 227 -31.56 -13.65 9.91
N GLY B 228 -32.23 -12.50 9.98
CA GLY B 228 -32.85 -11.94 8.80
C GLY B 228 -31.84 -11.46 7.78
N PHE B 229 -30.76 -10.83 8.25
CA PHE B 229 -29.73 -10.41 7.30
C PHE B 229 -29.10 -11.59 6.61
N ASN B 230 -28.80 -12.66 7.35
CA ASN B 230 -28.10 -13.79 6.77
C ASN B 230 -28.97 -14.48 5.73
N GLU B 231 -30.28 -14.54 5.98
CA GLU B 231 -31.21 -15.05 4.96
C GLU B 231 -31.14 -14.18 3.71
N TRP B 232 -31.17 -12.86 3.88
CA TRP B 232 -31.05 -11.94 2.75
C TRP B 232 -29.69 -12.06 2.09
N ALA B 233 -28.62 -12.19 2.89
CA ALA B 233 -27.27 -12.20 2.35
C ALA B 233 -27.07 -13.35 1.38
N MET B 234 -27.54 -14.55 1.74
CA MET B 234 -27.32 -15.72 0.88
C MET B 234 -28.17 -15.68 -0.36
N ALA B 235 -29.17 -14.80 -0.42
CA ALA B 235 -29.92 -14.59 -1.64
C ALA B 235 -29.38 -13.44 -2.47
N ASN B 236 -28.44 -12.64 -1.95
CA ASN B 236 -28.02 -11.41 -2.62
C ASN B 236 -26.50 -11.29 -2.74
N GLY B 237 -25.76 -12.38 -2.58
CA GLY B 237 -24.34 -12.32 -2.86
C GLY B 237 -23.47 -11.72 -1.77
N TYR B 238 -23.92 -11.80 -0.52
CA TYR B 238 -23.17 -11.34 0.64
C TYR B 238 -22.86 -12.52 1.54
N THR B 239 -21.77 -12.40 2.31
CA THR B 239 -21.52 -13.40 3.34
C THR B 239 -22.45 -13.20 4.51
N SER B 240 -22.58 -14.26 5.32
CA SER B 240 -23.23 -14.12 6.62
C SER B 240 -22.37 -13.25 7.53
N VAL B 241 -23.02 -12.45 8.38
CA VAL B 241 -22.30 -11.63 9.35
C VAL B 241 -21.90 -12.50 10.54
N SER B 242 -20.68 -12.27 11.04
CA SER B 242 -20.09 -13.08 12.10
C SER B 242 -20.98 -13.09 13.35
N SER B 243 -20.78 -12.10 14.22
CA SER B 243 -21.59 -11.94 15.41
C SER B 243 -21.55 -10.47 15.78
N VAL B 244 -22.64 -10.00 16.39
CA VAL B 244 -22.73 -8.58 16.73
C VAL B 244 -21.65 -8.19 17.74
N GLU B 245 -21.28 -9.12 18.62
CA GLU B 245 -20.34 -8.82 19.70
C GLU B 245 -18.95 -8.44 19.19
N CYS B 246 -18.58 -8.86 17.98
CA CYS B 246 -17.26 -8.50 17.46
C CYS B 246 -17.12 -6.99 17.29
N TYR B 247 -18.21 -6.29 17.00
CA TYR B 247 -18.19 -4.86 16.73
C TYR B 247 -18.38 -4.00 17.96
N SER B 248 -18.27 -4.59 19.15
CA SER B 248 -18.60 -3.84 20.37
C SER B 248 -17.82 -2.53 20.46
N ILE B 249 -16.57 -2.53 20.00
CA ILE B 249 -15.75 -1.32 20.07
C ILE B 249 -16.36 -0.19 19.25
N LEU B 250 -16.66 -0.46 17.97
CA LEU B 250 -17.17 0.58 17.10
C LEU B 250 -18.63 0.90 17.42
N ALA B 251 -19.41 -0.10 17.83
CA ALA B 251 -20.79 0.14 18.25
C ALA B 251 -20.83 1.08 19.44
N ALA B 252 -19.88 0.92 20.38
CA ALA B 252 -19.86 1.76 21.58
C ALA B 252 -19.42 3.18 21.26
N LYS B 253 -18.49 3.35 20.32
CA LYS B 253 -17.98 4.68 20.01
C LYS B 253 -18.92 5.47 19.10
N THR B 254 -19.82 4.81 18.38
CA THR B 254 -20.79 5.51 17.55
C THR B 254 -22.21 5.50 18.10
N GLY B 255 -22.53 4.57 19.01
CA GLY B 255 -23.90 4.44 19.45
C GLY B 255 -24.85 3.86 18.43
N VAL B 256 -24.31 3.21 17.38
CA VAL B 256 -25.10 2.61 16.32
C VAL B 256 -24.92 1.10 16.39
N SER B 257 -26.02 0.37 16.46
CA SER B 257 -25.95 -1.08 16.56
C SER B 257 -25.68 -1.70 15.19
N VAL B 258 -25.05 -2.87 15.20
CA VAL B 258 -24.80 -3.59 13.95
C VAL B 258 -26.09 -3.78 13.18
N GLU B 259 -27.20 -4.04 13.87
CA GLU B 259 -28.47 -4.31 13.21
C GLU B 259 -28.95 -3.12 12.39
N GLN B 260 -28.64 -1.91 12.83
CA GLN B 260 -28.94 -0.74 12.01
C GLN B 260 -28.09 -0.70 10.74
N LEU B 261 -26.84 -1.13 10.83
CA LEU B 261 -25.99 -1.15 9.64
C LEU B 261 -26.40 -2.25 8.68
N LEU B 262 -26.83 -3.40 9.22
CA LEU B 262 -27.33 -4.47 8.36
C LEU B 262 -28.55 -4.01 7.56
N ALA B 263 -29.46 -3.28 8.21
CA ALA B 263 -30.59 -2.71 7.48
C ALA B 263 -30.12 -1.74 6.41
N SER B 264 -29.11 -0.93 6.73
CA SER B 264 -28.62 0.03 5.76
C SER B 264 -28.00 -0.65 4.55
N ILE B 265 -27.33 -1.79 4.77
CA ILE B 265 -26.76 -2.54 3.66
C ILE B 265 -27.84 -2.97 2.69
N GLN B 266 -28.98 -3.44 3.22
CA GLN B 266 -30.07 -3.86 2.35
C GLN B 266 -30.56 -2.71 1.49
N HIS B 267 -30.66 -1.50 2.06
CA HIS B 267 -31.03 -0.33 1.28
C HIS B 267 -29.96 0.03 0.26
N LEU B 268 -28.70 0.11 0.70
CA LEU B 268 -27.63 0.63 -0.13
C LEU B 268 -27.23 -0.34 -1.23
N HIS B 269 -27.53 -1.62 -1.07
CA HIS B 269 -27.27 -2.60 -2.12
C HIS B 269 -27.94 -2.19 -3.43
N GLU B 270 -29.14 -1.60 -3.35
CA GLU B 270 -29.85 -1.20 -4.55
C GLU B 270 -29.22 0.03 -5.22
N GLY B 271 -28.36 0.75 -4.53
CA GLY B 271 -27.64 1.85 -5.13
C GLY B 271 -27.55 3.04 -4.18
N PHE B 272 -26.62 3.94 -4.48
CA PHE B 272 -26.40 5.12 -3.67
C PHE B 272 -27.19 6.33 -4.14
N GLY B 273 -27.74 6.29 -5.35
CA GLY B 273 -28.48 7.44 -5.87
C GLY B 273 -27.60 8.62 -6.19
N GLY B 274 -26.42 8.38 -6.76
CA GLY B 274 -25.51 9.45 -7.12
C GLY B 274 -24.63 9.95 -6.00
N LYS B 275 -25.00 9.72 -4.74
CA LYS B 275 -24.20 10.14 -3.61
C LYS B 275 -23.08 9.14 -3.37
N ASN B 276 -22.22 9.44 -2.40
CA ASN B 276 -21.07 8.58 -2.13
C ASN B 276 -20.88 8.44 -0.63
N ILE B 277 -20.06 7.47 -0.26
CA ILE B 277 -19.69 7.21 1.14
C ILE B 277 -18.17 7.11 1.18
N LEU B 278 -17.52 8.16 1.69
CA LEU B 278 -16.06 8.22 1.79
C LEU B 278 -15.39 8.06 0.42
N GLY B 279 -15.98 8.67 -0.60
CA GLY B 279 -15.44 8.57 -1.96
C GLY B 279 -15.89 7.36 -2.75
N TYR B 280 -16.61 6.44 -2.13
CA TYR B 280 -17.08 5.24 -2.82
C TYR B 280 -18.51 5.43 -3.30
N SER B 281 -18.79 4.95 -4.52
CA SER B 281 -20.12 5.02 -5.10
C SER B 281 -20.90 3.73 -4.93
N SER B 282 -20.30 2.72 -4.30
CA SER B 282 -21.00 1.50 -3.93
C SER B 282 -20.35 0.98 -2.65
N LEU B 283 -20.97 -0.04 -2.06
CA LEU B 283 -20.49 -0.54 -0.78
C LEU B 283 -19.10 -1.14 -0.91
N CYS B 284 -18.28 -0.93 0.10
CA CYS B 284 -16.86 -1.23 0.08
C CYS B 284 -16.57 -2.33 1.09
N ASP B 285 -16.06 -3.47 0.62
CA ASP B 285 -15.68 -4.56 1.51
C ASP B 285 -14.15 -4.72 1.57
N GLU B 286 -13.42 -3.61 1.39
CA GLU B 286 -11.96 -3.66 1.36
C GLU B 286 -11.33 -3.61 2.75
N PHE B 287 -12.00 -3.06 3.75
CA PHE B 287 -11.39 -2.79 5.06
C PHE B 287 -12.04 -3.61 6.15
N THR B 288 -11.21 -4.26 6.97
CA THR B 288 -11.66 -5.05 8.09
C THR B 288 -11.93 -4.18 9.32
N LEU B 289 -12.63 -4.78 10.29
CA LEU B 289 -12.87 -4.11 11.56
C LEU B 289 -11.56 -3.64 12.19
N ALA B 290 -10.57 -4.54 12.24
CA ALA B 290 -9.29 -4.22 12.87
C ALA B 290 -8.57 -3.10 12.14
N GLU B 291 -8.65 -3.08 10.80
CA GLU B 291 -8.04 -1.99 10.05
C GLU B 291 -8.72 -0.66 10.36
N VAL B 292 -10.05 -0.67 10.49
CA VAL B 292 -10.73 0.58 10.82
C VAL B 292 -10.33 1.04 12.21
N VAL B 293 -10.27 0.12 13.18
CA VAL B 293 -9.89 0.52 14.54
C VAL B 293 -8.46 1.06 14.55
N LYS B 294 -7.54 0.38 13.87
CA LYS B 294 -6.14 0.81 13.85
C LYS B 294 -5.98 2.16 13.18
N GLN B 295 -6.65 2.37 12.03
CA GLN B 295 -6.47 3.61 11.28
C GLN B 295 -7.16 4.79 11.94
N MET B 296 -8.16 4.56 12.77
CA MET B 296 -8.86 5.64 13.45
C MET B 296 -8.31 5.91 14.83
N TYR B 297 -7.80 4.89 15.52
CA TYR B 297 -7.43 5.01 16.91
C TYR B 297 -6.02 4.52 17.25
N GLY B 298 -5.32 3.92 16.30
CA GLY B 298 -4.00 3.39 16.57
C GLY B 298 -3.98 2.16 17.45
N VAL B 299 -5.13 1.55 17.71
CA VAL B 299 -5.18 0.42 18.63
C VAL B 299 -5.03 -0.89 17.86
C02 X77 C . 0.14 16.03 15.75
C04 X77 C . -1.84 16.99 14.43
C05 X77 C . -2.18 18.32 13.79
C07 X77 C . -3.55 20.54 14.37
C08 X77 C . -2.47 21.44 13.74
C09 X77 C . -3.03 22.84 13.45
C10 X77 C . -4.38 23.07 14.13
C11 X77 C . -5.42 22.05 13.65
C12 X77 C . -4.91 20.60 13.68
C14 X77 C . -1.88 15.92 13.37
C15 X77 C . -3.00 14.95 13.38
C16 X77 C . -3.07 13.90 12.34
C17 X77 C . -1.97 13.87 11.29
C19 X77 C . -0.78 15.90 12.34
C20 X77 C . 0.01 18.50 15.24
C21 X77 C . -0.44 19.24 16.51
C22 X77 C . 0.05 20.66 16.78
C23 X77 C . 0.98 21.32 15.77
C24 X77 C . 1.47 22.73 16.06
C25 X77 C . 0.26 23.60 16.38
C26 X77 C . 2.19 23.29 14.85
C27 X77 C . 2.44 22.65 17.25
C28 X77 C . 1.43 20.60 14.50
C29 X77 C . 0.93 19.17 14.24
C30 X77 C . 1.47 16.19 16.50
C31 X77 C . 2.15 15.14 17.05
C33 X77 C . 3.24 16.96 17.46
N03 X77 C . -0.53 17.16 15.08
N06 X77 C . -3.06 19.16 14.60
N18 X77 C . -0.86 14.85 11.31
N32 X77 C . 3.22 15.63 17.64
N34 X77 C . 2.14 17.29 16.76
O01 X77 C . -0.35 14.98 15.65
O13 X77 C . -1.75 18.63 12.73
C02 X77 D . 5.00 -17.27 -13.55
C04 X77 D . 2.54 -17.05 -14.22
C05 X77 D . 1.31 -17.94 -14.30
C07 X77 D . 0.07 -19.37 -16.14
C08 X77 D . -0.17 -20.52 -15.16
C09 X77 D . -1.19 -21.53 -15.70
C10 X77 D . -1.72 -21.10 -17.07
C11 X77 D . -2.25 -19.66 -17.05
C12 X77 D . -1.19 -18.64 -16.61
C14 X77 D . 2.21 -15.86 -13.35
C15 X77 D . 2.11 -16.04 -11.89
C16 X77 D . 1.73 -14.84 -11.12
C17 X77 D . 1.44 -13.51 -11.78
C19 X77 D . 1.90 -14.55 -14.05
C20 X77 D . 3.51 -19.30 -13.75
C21 X77 D . 2.99 -20.08 -12.53
C22 X77 D . 2.86 -21.60 -12.61
C23 X77 D . 3.25 -22.27 -13.91
C24 X77 D . 3.13 -23.79 -14.02
C25 X77 D . 4.54 -24.35 -14.17
C26 X77 D . 2.30 -24.12 -15.25
C27 X77 D . 2.42 -24.35 -12.76
C28 X77 D . 3.77 -21.51 -15.12
C29 X77 D . 3.90 -20.00 -15.05
C30 X77 D . 6.22 -18.12 -13.15
C31 X77 D . 7.46 -17.60 -12.87
C33 X77 D . 7.59 -19.75 -12.73
N03 X77 D . 3.68 -17.86 -13.79
N06 X77 D . 1.08 -18.44 -15.64
N18 X77 D . 1.52 -13.37 -13.25
N32 X77 D . 8.28 -18.60 -12.60
N34 X77 D . 6.33 -19.44 -13.07
O01 X77 D . 5.06 -16.10 -13.63
O13 X77 D . 0.65 -18.20 -13.34
#